data_9QC3
#
_entry.id   9QC3
#
_cell.length_a   83.669
_cell.length_b   83.669
_cell.length_c   147.261
_cell.angle_alpha   90.000
_cell.angle_beta   90.000
_cell.angle_gamma   90.000
#
_symmetry.space_group_name_H-M   'P 41 21 2'
#
loop_
_entity.id
_entity.type
_entity.pdbx_description
1 polymer 'Lysine--tRNA ligase 1'
2 non-polymer LYSINE
3 non-polymer 2-azanyl-4-methoxy-6-[(1~{R},2~{S})-2-oxidanylcycloheptyl]-7~{H}-pyrrolo[3,4-d]pyrimidin-5-one
4 water water
#
_entity_poly.entity_id   1
_entity_poly.type   'polypeptide(L)'
_entity_poly.pdbx_seq_one_letter_code
;MGSSHHHHHHSSGENLYFQGHMSAADTAEDLPEQFRIRRDKRARLLAQGRDPYPVAVPRTHTLAEVRAAHPDLPIDTATE
DIVGVAGRVIFARNSGKLCFATLQDGDGTQLQVMISLDKVGQAALDAWKADVDLGDIVYVHGAVISSRRGELSVLADCWR
IAAKSLRPLPVAHKEMSEESRVRQRYVDLIVRPEARAVARLRIAVVRAIRTALQRRGFLEVETPVLQTLAGGAAARPFAT
HSNALDIDLYLRIAPELFLKRCIVGGFDKVFELNRVFRNEGADSTHSPEFSMLETYQTYGTYDDSAVVTRELIQEVADEA
IGTRQLPLPDGSVYDIDGEWATIQMYPSLSVALGEEITPQTTVDRLRGIADSLGLEKDPAIHDNRGFGHGKLIEELWERT
VGKSLSAPTFVKDFPVQTTPLTRQHRSIPGVTEKWDLYLRGIELATGYSELSDPVVQRERFADQARAAAAGDDEAMVLDE
DFLAALEYGMPPCTGTGMGIDRLLMSLTGLSIRETVLFPIVRPHSN
;
_entity_poly.pdbx_strand_id   A
#
loop_
_chem_comp.id
_chem_comp.type
_chem_comp.name
_chem_comp.formula
A1I50 non-polymer 2-azanyl-4-methoxy-6-[(1~{R},2~{S})-2-oxidanylcycloheptyl]-7~{H}-pyrrolo[3,4-d]pyrimidin-5-one 'C14 H20 N4 O3'
#
# COMPACT_ATOMS: atom_id res chain seq x y z
N GLU A 33 -11.91 15.78 30.19
CA GLU A 33 -13.07 16.40 30.89
C GLU A 33 -14.10 16.92 29.88
N GLN A 34 -13.64 17.53 28.78
CA GLN A 34 -14.52 18.06 27.75
C GLN A 34 -15.32 16.92 27.11
N PHE A 35 -14.82 15.69 27.28
CA PHE A 35 -15.55 14.46 26.99
C PHE A 35 -16.97 14.57 27.55
N ARG A 36 -17.08 15.04 28.80
CA ARG A 36 -18.34 14.97 29.54
C ARG A 36 -19.26 16.10 29.12
N ILE A 37 -18.70 17.29 28.86
CA ILE A 37 -19.48 18.46 28.44
C ILE A 37 -20.10 18.18 27.07
N ARG A 38 -19.36 17.47 26.21
CA ARG A 38 -19.83 17.12 24.88
C ARG A 38 -20.96 16.10 24.96
N ARG A 39 -20.81 15.07 25.82
CA ARG A 39 -21.83 14.06 26.07
C ARG A 39 -23.16 14.69 26.52
N ASP A 40 -23.08 15.74 27.36
CA ASP A 40 -24.25 16.43 27.90
C ASP A 40 -24.96 17.23 26.81
N LYS A 41 -24.20 17.81 25.87
CA LYS A 41 -24.78 18.55 24.77
C LYS A 41 -25.55 17.60 23.86
N ARG A 42 -25.03 16.36 23.71
CA ARG A 42 -25.74 15.30 23.02
C ARG A 42 -27.08 15.05 23.73
N ALA A 43 -27.00 14.73 25.03
CA ALA A 43 -28.17 14.43 25.84
C ALA A 43 -29.21 15.56 25.75
N ARG A 44 -28.76 16.81 25.86
CA ARG A 44 -29.68 17.94 25.90
C ARG A 44 -30.17 18.26 24.48
N LEU A 45 -29.47 17.77 23.46
CA LEU A 45 -29.94 17.97 22.09
C LEU A 45 -31.06 16.98 21.81
N LEU A 46 -30.82 15.70 22.10
CA LEU A 46 -31.85 14.69 22.04
C LEU A 46 -33.13 15.20 22.72
N ALA A 47 -33.00 15.59 24.00
CA ALA A 47 -34.10 15.98 24.86
C ALA A 47 -34.97 17.06 24.20
N GLN A 48 -34.33 18.01 23.51
CA GLN A 48 -35.01 19.16 22.91
C GLN A 48 -35.62 18.82 21.55
N GLY A 49 -35.51 17.56 21.11
CA GLY A 49 -36.01 17.13 19.81
C GLY A 49 -35.19 17.69 18.65
N ARG A 50 -33.97 18.15 18.94
CA ARG A 50 -32.97 18.34 17.91
C ARG A 50 -32.37 16.96 17.65
N ASP A 51 -31.92 16.72 16.42
CA ASP A 51 -31.33 15.43 16.10
C ASP A 51 -29.84 15.67 15.87
N PRO A 52 -28.97 15.16 16.78
CA PRO A 52 -27.52 15.36 16.66
C PRO A 52 -26.82 14.39 15.72
N TYR A 53 -27.46 13.24 15.46
CA TYR A 53 -27.00 12.29 14.45
C TYR A 53 -28.12 12.01 13.47
N PRO A 54 -28.54 12.98 12.64
CA PRO A 54 -29.68 12.77 11.76
C PRO A 54 -29.36 11.77 10.64
N VAL A 55 -30.42 11.11 10.14
CA VAL A 55 -30.34 10.12 9.07
C VAL A 55 -29.80 10.75 7.78
N ALA A 56 -30.29 11.96 7.48
CA ALA A 56 -30.12 12.58 6.17
C ALA A 56 -29.93 14.08 6.36
N VAL A 57 -28.96 14.65 5.66
CA VAL A 57 -28.94 16.08 5.44
C VAL A 57 -28.78 16.29 3.93
N PRO A 58 -29.50 17.25 3.33
CA PRO A 58 -29.51 17.38 1.87
C PRO A 58 -28.29 18.15 1.36
N ARG A 59 -27.16 17.45 1.33
CA ARG A 59 -25.92 18.00 0.85
C ARG A 59 -25.93 18.02 -0.67
N THR A 60 -25.86 19.22 -1.25
CA THR A 60 -25.91 19.39 -2.68
C THR A 60 -24.52 19.21 -3.27
N HIS A 61 -23.49 19.67 -2.55
CA HIS A 61 -22.15 19.67 -3.09
C HIS A 61 -21.11 19.34 -2.01
N THR A 62 -20.03 18.70 -2.45
CA THR A 62 -18.74 18.70 -1.78
C THR A 62 -18.19 20.13 -1.81
N LEU A 63 -17.35 20.45 -0.81
CA LEU A 63 -16.75 21.77 -0.75
C LEU A 63 -15.85 21.95 -1.97
N ALA A 64 -15.20 20.86 -2.40
CA ALA A 64 -14.32 20.92 -3.57
C ALA A 64 -15.11 21.35 -4.80
N GLU A 65 -16.35 20.88 -4.90
CA GLU A 65 -17.22 21.19 -6.02
C GLU A 65 -17.54 22.68 -6.03
N VAL A 66 -17.80 23.25 -4.85
CA VAL A 66 -18.14 24.66 -4.71
C VAL A 66 -16.92 25.51 -5.08
N ARG A 67 -15.72 25.04 -4.68
CA ARG A 67 -14.50 25.74 -5.02
C ARG A 67 -14.30 25.77 -6.54
N ALA A 68 -14.18 24.58 -7.15
CA ALA A 68 -14.04 24.48 -8.60
C ALA A 68 -15.09 25.31 -9.33
N ALA A 69 -16.24 25.57 -8.68
CA ALA A 69 -17.36 26.28 -9.26
C ALA A 69 -17.15 27.79 -9.28
N HIS A 70 -16.44 28.32 -8.28
CA HIS A 70 -16.30 29.76 -8.09
C HIS A 70 -14.83 30.11 -7.93
N PRO A 71 -13.98 29.83 -8.95
CA PRO A 71 -12.53 29.87 -8.78
C PRO A 71 -12.01 31.26 -8.49
N ASP A 72 -12.50 32.24 -9.27
CA ASP A 72 -12.11 33.63 -9.14
C ASP A 72 -13.38 34.47 -8.98
N LEU A 73 -13.83 34.62 -7.72
CA LEU A 73 -14.94 35.48 -7.38
C LEU A 73 -14.39 36.81 -6.88
N PRO A 74 -14.84 37.97 -7.43
CA PRO A 74 -14.50 39.28 -6.85
C PRO A 74 -14.74 39.32 -5.34
N ILE A 75 -13.65 39.41 -4.56
CA ILE A 75 -13.68 39.19 -3.12
C ILE A 75 -14.50 40.29 -2.44
N ASP A 76 -15.42 39.87 -1.56
CA ASP A 76 -16.38 40.74 -0.87
C ASP A 76 -17.57 41.02 -1.78
N THR A 77 -17.99 40.01 -2.55
CA THR A 77 -19.17 40.11 -3.39
C THR A 77 -20.02 38.86 -3.18
N ALA A 78 -21.35 39.00 -3.36
CA ALA A 78 -22.31 37.92 -3.19
C ALA A 78 -22.76 37.38 -4.55
N THR A 79 -23.18 36.11 -4.58
CA THR A 79 -23.77 35.49 -5.76
C THR A 79 -24.90 34.57 -5.31
N GLU A 80 -25.92 34.42 -6.17
CA GLU A 80 -27.18 33.79 -5.80
C GLU A 80 -27.20 32.31 -6.20
N ASP A 81 -26.03 31.65 -6.18
CA ASP A 81 -25.96 30.21 -6.20
C ASP A 81 -26.14 29.72 -4.77
N ILE A 82 -27.30 29.12 -4.50
CA ILE A 82 -27.59 28.50 -3.21
C ILE A 82 -27.02 27.09 -3.23
N VAL A 83 -26.38 26.70 -2.13
CA VAL A 83 -25.84 25.35 -1.97
C VAL A 83 -26.24 24.84 -0.59
N GLY A 84 -26.24 23.51 -0.46
CA GLY A 84 -26.19 22.85 0.84
C GLY A 84 -24.86 22.12 0.98
N VAL A 85 -24.07 22.49 1.98
CA VAL A 85 -22.76 21.89 2.18
C VAL A 85 -22.74 21.25 3.56
N ALA A 86 -21.79 20.34 3.73
CA ALA A 86 -21.55 19.71 5.02
C ALA A 86 -20.06 19.53 5.20
N GLY A 87 -19.60 19.65 6.45
CA GLY A 87 -18.18 19.68 6.75
C GLY A 87 -17.91 19.63 8.24
N ARG A 88 -16.64 19.34 8.56
CA ARG A 88 -16.16 19.28 9.92
C ARG A 88 -15.76 20.69 10.32
N VAL A 89 -16.25 21.15 11.48
CA VAL A 89 -15.86 22.46 11.99
C VAL A 89 -14.52 22.25 12.71
N ILE A 90 -13.47 22.83 12.13
CA ILE A 90 -12.10 22.65 12.60
C ILE A 90 -11.53 23.99 13.08
N PHE A 91 -12.30 25.07 12.88
CA PHE A 91 -11.95 26.39 13.38
C PHE A 91 -13.23 27.17 13.66
N ALA A 92 -13.36 27.71 14.89
CA ALA A 92 -14.46 28.61 15.24
C ALA A 92 -13.92 30.00 15.55
N ARG A 93 -14.79 31.02 15.41
CA ARG A 93 -14.49 32.40 15.77
C ARG A 93 -15.80 33.17 15.93
N ASN A 94 -16.31 33.22 17.17
CA ASN A 94 -17.65 33.74 17.47
C ASN A 94 -17.55 35.21 17.84
N SER A 95 -18.55 36.02 17.45
CA SER A 95 -18.48 37.46 17.64
C SER A 95 -19.87 38.11 17.65
N GLY A 96 -20.62 37.89 18.74
CA GLY A 96 -21.93 38.52 18.93
C GLY A 96 -22.91 38.12 17.83
N LYS A 97 -23.15 39.03 16.88
CA LYS A 97 -24.15 38.82 15.84
C LYS A 97 -23.59 37.86 14.79
N LEU A 98 -22.26 37.78 14.62
CA LEU A 98 -21.67 37.03 13.51
C LEU A 98 -20.58 36.05 13.98
N CYS A 99 -20.77 34.77 13.66
CA CYS A 99 -19.79 33.72 13.90
C CYS A 99 -19.23 33.19 12.58
N PHE A 100 -17.91 32.98 12.56
CA PHE A 100 -17.25 32.35 11.43
C PHE A 100 -16.71 30.99 11.87
N ALA A 101 -16.74 30.04 10.94
CA ALA A 101 -16.18 28.72 11.15
C ALA A 101 -15.56 28.19 9.85
N THR A 102 -14.56 27.33 10.00
CA THR A 102 -14.00 26.61 8.88
C THR A 102 -14.63 25.22 8.87
N LEU A 103 -15.32 24.95 7.76
CA LEU A 103 -15.73 23.62 7.39
C LEU A 103 -14.61 23.01 6.57
N GLN A 104 -14.14 21.86 7.03
CA GLN A 104 -13.22 21.06 6.25
C GLN A 104 -13.94 19.78 5.85
N ASP A 105 -14.13 19.62 4.54
CA ASP A 105 -14.64 18.40 3.95
C ASP A 105 -13.60 17.31 4.18
N GLY A 106 -14.00 16.05 4.02
CA GLY A 106 -13.21 14.91 4.44
C GLY A 106 -11.89 14.76 3.68
N ASP A 107 -11.84 15.33 2.46
CA ASP A 107 -10.67 15.25 1.60
C ASP A 107 -9.64 16.31 1.98
N GLY A 108 -10.06 17.29 2.79
CA GLY A 108 -9.16 18.36 3.22
C GLY A 108 -9.61 19.73 2.72
N THR A 109 -10.46 19.74 1.69
CA THR A 109 -10.95 20.99 1.12
C THR A 109 -11.68 21.78 2.20
N GLN A 110 -11.62 23.10 2.10
CA GLN A 110 -12.09 23.99 3.15
C GLN A 110 -13.08 25.00 2.58
N LEU A 111 -14.15 25.22 3.30
CA LEU A 111 -15.04 26.34 3.03
C LEU A 111 -15.33 27.01 4.36
N GLN A 112 -15.36 28.35 4.35
CA GLN A 112 -15.73 29.07 5.55
C GLN A 112 -17.24 29.28 5.53
N VAL A 113 -17.86 29.16 6.71
CA VAL A 113 -19.24 29.55 6.87
C VAL A 113 -19.31 30.78 7.76
N MET A 114 -20.37 31.58 7.54
CA MET A 114 -20.69 32.73 8.38
C MET A 114 -22.10 32.55 8.92
N ILE A 115 -22.20 32.24 10.23
CA ILE A 115 -23.46 32.16 10.97
C ILE A 115 -23.76 33.58 11.48
N SER A 116 -24.77 34.21 10.85
CA SER A 116 -25.12 35.61 11.11
C SER A 116 -26.50 35.70 11.75
N LEU A 117 -26.66 36.69 12.64
CA LEU A 117 -27.94 36.96 13.31
C LEU A 117 -28.98 37.40 12.28
N ASP A 118 -28.55 38.20 11.29
CA ASP A 118 -29.47 38.90 10.38
C ASP A 118 -30.04 37.96 9.32
N LYS A 119 -29.26 36.95 8.92
CA LYS A 119 -29.69 36.03 7.87
C LYS A 119 -30.93 35.25 8.31
N VAL A 120 -30.74 34.29 9.22
CA VAL A 120 -31.84 33.66 9.95
C VAL A 120 -31.27 33.24 11.30
N GLY A 121 -31.51 34.03 12.34
CA GLY A 121 -30.73 33.84 13.56
C GLY A 121 -31.44 34.25 14.84
N GLN A 122 -30.63 34.78 15.75
CA GLN A 122 -30.96 35.00 17.15
C GLN A 122 -30.92 33.65 17.87
N ALA A 123 -32.05 32.93 17.92
CA ALA A 123 -32.08 31.60 18.51
C ALA A 123 -31.09 30.69 17.78
N ALA A 124 -31.09 30.78 16.44
CA ALA A 124 -30.14 30.06 15.59
C ALA A 124 -28.70 30.35 16.03
N LEU A 125 -28.39 31.65 16.16
CA LEU A 125 -27.06 32.10 16.54
C LEU A 125 -26.70 31.57 17.92
N ASP A 126 -27.68 31.59 18.84
CA ASP A 126 -27.47 31.13 20.20
C ASP A 126 -27.10 29.66 20.17
N ALA A 127 -27.92 28.86 19.46
CA ALA A 127 -27.74 27.43 19.36
C ALA A 127 -26.37 27.12 18.75
N TRP A 128 -26.02 27.84 17.68
CA TRP A 128 -24.71 27.71 17.09
C TRP A 128 -23.63 27.79 18.18
N LYS A 129 -23.63 28.93 18.89
CA LYS A 129 -22.65 29.24 19.93
C LYS A 129 -22.64 28.15 21.00
N ALA A 130 -23.84 27.72 21.44
CA ALA A 130 -23.98 26.77 22.53
C ALA A 130 -23.76 25.32 22.08
N ASP A 131 -24.16 24.99 20.84
CA ASP A 131 -24.33 23.61 20.43
C ASP A 131 -23.10 23.09 19.66
N VAL A 132 -22.33 23.98 19.02
CA VAL A 132 -21.35 23.58 18.00
C VAL A 132 -19.92 23.68 18.50
N ASP A 133 -19.28 22.52 18.74
CA ASP A 133 -17.90 22.42 19.18
C ASP A 133 -17.01 21.96 18.04
N LEU A 134 -15.69 22.04 18.23
CA LEU A 134 -14.70 21.68 17.22
C LEU A 134 -14.68 20.17 17.01
N GLY A 135 -14.67 19.76 15.74
CA GLY A 135 -14.70 18.35 15.39
C GLY A 135 -16.13 17.87 15.14
N ASP A 136 -17.10 18.80 15.25
CA ASP A 136 -18.49 18.54 14.92
C ASP A 136 -18.69 18.63 13.41
N ILE A 137 -19.42 17.63 12.88
CA ILE A 137 -19.86 17.67 11.50
C ILE A 137 -21.16 18.47 11.45
N VAL A 138 -21.22 19.44 10.51
CA VAL A 138 -22.27 20.45 10.45
C VAL A 138 -22.70 20.63 9.00
N TYR A 139 -23.99 20.87 8.76
CA TYR A 139 -24.49 21.17 7.43
C TYR A 139 -24.97 22.62 7.43
N VAL A 140 -24.72 23.36 6.36
CA VAL A 140 -25.26 24.71 6.26
C VAL A 140 -25.72 24.93 4.82
N HIS A 141 -27.01 25.35 4.70
CA HIS A 141 -27.63 25.78 3.45
C HIS A 141 -27.52 27.29 3.41
N GLY A 142 -27.25 27.86 2.24
CA GLY A 142 -27.06 29.31 2.15
C GLY A 142 -26.43 29.75 0.85
N ALA A 143 -26.13 31.05 0.79
CA ALA A 143 -25.62 31.71 -0.40
C ALA A 143 -24.09 31.68 -0.40
N VAL A 144 -23.48 31.62 -1.59
CA VAL A 144 -22.03 31.60 -1.67
C VAL A 144 -21.54 33.03 -1.90
N ILE A 145 -20.64 33.47 -1.01
CA ILE A 145 -20.04 34.81 -1.02
C ILE A 145 -18.53 34.67 -0.82
N SER A 146 -17.79 35.76 -1.08
CA SER A 146 -16.44 35.91 -0.57
C SER A 146 -16.40 37.07 0.44
N SER A 147 -15.59 36.91 1.50
CA SER A 147 -15.52 37.88 2.56
C SER A 147 -14.30 38.80 2.38
N ARG A 148 -14.22 39.82 3.23
CA ARG A 148 -13.26 40.91 3.11
C ARG A 148 -11.84 40.38 2.86
N GLU A 151 -11.67 35.18 1.14
CA GLU A 151 -11.84 33.76 1.53
C GLU A 151 -13.26 33.31 1.20
N LEU A 152 -13.39 32.14 0.56
CA LEU A 152 -14.67 31.67 0.03
C LEU A 152 -15.52 31.11 1.18
N SER A 153 -16.73 31.67 1.29
CA SER A 153 -17.61 31.38 2.41
C SER A 153 -19.01 31.06 1.91
N VAL A 154 -19.81 30.42 2.78
CA VAL A 154 -21.24 30.30 2.59
C VAL A 154 -21.89 31.03 3.77
N LEU A 155 -22.70 32.06 3.47
CA LEU A 155 -23.56 32.68 4.47
C LEU A 155 -24.84 31.85 4.58
N ALA A 156 -25.33 31.68 5.81
CA ALA A 156 -26.29 30.62 6.13
C ALA A 156 -27.72 31.16 6.17
N ASP A 157 -28.63 30.56 5.37
CA ASP A 157 -30.06 30.64 5.63
C ASP A 157 -30.38 29.67 6.77
N CYS A 158 -29.96 28.41 6.54
CA CYS A 158 -30.26 27.29 7.39
C CYS A 158 -28.95 26.75 7.95
N TRP A 159 -29.02 25.99 9.05
CA TRP A 159 -27.92 25.12 9.44
C TRP A 159 -28.43 24.05 10.41
N ARG A 160 -27.65 22.96 10.54
CA ARG A 160 -28.03 21.78 11.29
C ARG A 160 -26.76 21.03 11.67
N ILE A 161 -26.73 20.43 12.88
CA ILE A 161 -25.70 19.47 13.23
C ILE A 161 -25.95 18.16 12.48
N ALA A 162 -24.88 17.61 11.91
CA ALA A 162 -24.94 16.35 11.17
C ALA A 162 -24.34 15.22 12.01
N ALA A 163 -23.29 15.54 12.77
CA ALA A 163 -22.82 14.62 13.79
C ALA A 163 -22.12 15.40 14.90
N LYS A 164 -22.44 15.04 16.16
CA LYS A 164 -21.87 15.66 17.33
C LYS A 164 -20.69 14.82 17.81
N SER A 165 -19.51 15.43 17.86
CA SER A 165 -18.31 14.77 18.37
C SER A 165 -18.24 14.85 19.89
N LEU A 166 -18.03 13.70 20.51
CA LEU A 166 -17.82 13.57 21.95
C LEU A 166 -16.33 13.48 22.27
N ARG A 167 -15.47 13.98 21.36
CA ARG A 167 -14.02 14.01 21.55
C ARG A 167 -13.45 15.17 20.72
N PRO A 168 -12.68 16.10 21.34
CA PRO A 168 -12.04 17.17 20.57
C PRO A 168 -10.88 16.56 19.82
N LEU A 169 -10.53 17.17 18.70
CA LEU A 169 -9.33 16.81 17.95
C LEU A 169 -8.13 17.15 18.84
N PRO A 170 -7.00 16.40 18.79
CA PRO A 170 -5.74 16.88 19.36
C PRO A 170 -5.29 18.09 18.54
N VAL A 171 -4.45 18.94 19.12
CA VAL A 171 -3.97 20.13 18.41
C VAL A 171 -2.84 19.70 17.46
N MET A 176 1.29 14.76 17.36
CA MET A 176 0.99 13.29 17.45
C MET A 176 2.26 12.47 17.19
N SER A 177 2.56 11.54 18.12
CA SER A 177 3.60 10.54 17.93
C SER A 177 3.24 9.62 16.76
N GLU A 178 4.23 8.94 16.19
CA GLU A 178 4.02 8.07 15.04
C GLU A 178 3.09 6.91 15.39
N GLU A 179 3.15 6.43 16.65
CA GLU A 179 2.49 5.21 17.06
C GLU A 179 1.07 5.49 17.58
N SER A 180 0.70 6.77 17.77
CA SER A 180 -0.68 7.12 18.10
C SER A 180 -1.45 7.52 16.83
N ARG A 181 -0.72 8.08 15.86
CA ARG A 181 -1.22 8.34 14.51
C ARG A 181 -1.75 7.08 13.85
N VAL A 182 -1.15 5.93 14.20
CA VAL A 182 -1.36 4.67 13.50
C VAL A 182 -2.42 3.84 14.21
N ARG A 183 -2.48 3.98 15.55
CA ARG A 183 -3.52 3.38 16.38
C ARG A 183 -4.84 4.11 16.19
N GLN A 184 -4.76 5.39 15.76
CA GLN A 184 -5.94 6.20 15.49
C GLN A 184 -5.81 6.92 14.14
N ARG A 185 -5.80 6.12 13.06
CA ARG A 185 -5.65 6.65 11.72
C ARG A 185 -6.78 7.61 11.40
N TYR A 186 -7.98 7.32 11.92
CA TYR A 186 -9.14 8.15 11.66
C TYR A 186 -8.88 9.58 12.13
N VAL A 187 -8.14 9.78 13.23
CA VAL A 187 -7.85 11.15 13.68
C VAL A 187 -6.73 11.73 12.81
N ASP A 188 -5.68 10.92 12.62
CA ASP A 188 -4.58 11.27 11.76
C ASP A 188 -5.15 11.90 10.48
N LEU A 189 -6.11 11.19 9.87
CA LEU A 189 -6.72 11.59 8.60
C LEU A 189 -7.47 12.90 8.73
N ILE A 190 -8.03 13.18 9.91
CA ILE A 190 -8.78 14.42 10.10
C ILE A 190 -7.80 15.58 10.22
N VAL A 191 -6.70 15.35 10.94
CA VAL A 191 -5.84 16.44 11.42
C VAL A 191 -4.63 16.69 10.52
N ARG A 192 -4.13 15.66 9.83
CA ARG A 192 -2.84 15.74 9.17
C ARG A 192 -2.97 15.58 7.66
N PRO A 193 -2.83 16.66 6.85
CA PRO A 193 -3.03 16.59 5.41
C PRO A 193 -2.28 15.41 4.79
N GLU A 194 -1.04 15.20 5.24
CA GLU A 194 -0.12 14.23 4.66
C GLU A 194 -0.69 12.82 4.81
N ALA A 195 -1.41 12.57 5.90
CA ALA A 195 -2.09 11.29 6.09
C ALA A 195 -3.14 11.09 5.00
N ARG A 196 -3.87 12.17 4.69
CA ARG A 196 -4.87 12.16 3.63
C ARG A 196 -4.21 11.82 2.30
N ALA A 197 -3.07 12.47 2.00
CA ALA A 197 -2.42 12.35 0.71
C ALA A 197 -1.83 10.94 0.54
N VAL A 198 -1.19 10.42 1.59
CA VAL A 198 -0.60 9.08 1.54
C VAL A 198 -1.68 8.02 1.35
N ALA A 199 -2.78 8.12 2.10
CA ALA A 199 -3.88 7.18 1.96
C ALA A 199 -4.30 7.11 0.49
N ARG A 200 -4.57 8.27 -0.11
CA ARG A 200 -5.06 8.35 -1.47
C ARG A 200 -3.96 7.90 -2.43
N LEU A 201 -2.67 8.11 -2.08
CA LEU A 201 -1.57 7.70 -2.94
C LEU A 201 -1.54 6.17 -3.06
N ARG A 202 -1.63 5.45 -1.94
CA ARG A 202 -1.62 4.01 -1.96
C ARG A 202 -2.74 3.50 -2.87
N ILE A 203 -3.91 4.11 -2.71
CA ILE A 203 -5.10 3.76 -3.47
C ILE A 203 -4.82 3.92 -4.96
N ALA A 204 -4.27 5.09 -5.31
CA ALA A 204 -3.97 5.43 -6.70
C ALA A 204 -2.88 4.51 -7.26
N VAL A 205 -1.89 4.13 -6.45
CA VAL A 205 -0.83 3.21 -6.86
C VAL A 205 -1.45 1.86 -7.21
N VAL A 206 -2.34 1.38 -6.33
CA VAL A 206 -2.93 0.06 -6.45
C VAL A 206 -3.79 0.02 -7.71
N ARG A 207 -4.44 1.14 -8.02
CA ARG A 207 -5.29 1.25 -9.18
C ARG A 207 -4.43 1.30 -10.43
N ALA A 208 -3.37 2.11 -10.38
CA ALA A 208 -2.35 2.17 -11.42
C ALA A 208 -1.85 0.76 -11.77
N ILE A 209 -1.67 -0.08 -10.76
CA ILE A 209 -1.14 -1.41 -10.98
C ILE A 209 -2.15 -2.26 -11.76
N ARG A 210 -3.39 -2.31 -11.26
CA ARG A 210 -4.49 -3.01 -11.92
C ARG A 210 -4.70 -2.52 -13.34
N THR A 211 -4.73 -1.19 -13.52
CA THR A 211 -4.85 -0.59 -14.84
C THR A 211 -3.71 -1.08 -15.74
N ALA A 212 -2.46 -1.06 -15.26
CA ALA A 212 -1.31 -1.40 -16.09
C ALA A 212 -1.38 -2.86 -16.53
N LEU A 213 -1.66 -3.75 -15.58
CA LEU A 213 -1.78 -5.17 -15.85
C LEU A 213 -2.99 -5.48 -16.75
N GLN A 214 -4.12 -4.81 -16.55
CA GLN A 214 -5.29 -5.07 -17.39
C GLN A 214 -5.03 -4.65 -18.83
N ARG A 215 -4.46 -3.45 -19.06
CA ARG A 215 -4.06 -3.01 -20.39
C ARG A 215 -3.26 -4.12 -21.09
N ARG A 216 -2.40 -4.83 -20.35
CA ARG A 216 -1.56 -5.87 -20.94
C ARG A 216 -2.30 -7.21 -21.09
N GLY A 217 -3.56 -7.28 -20.68
CA GLY A 217 -4.35 -8.50 -20.86
C GLY A 217 -4.23 -9.48 -19.69
N PHE A 218 -3.76 -9.00 -18.53
CA PHE A 218 -3.74 -9.85 -17.36
C PHE A 218 -5.14 -9.92 -16.74
N LEU A 219 -5.47 -11.11 -16.24
CA LEU A 219 -6.73 -11.35 -15.57
C LEU A 219 -6.45 -11.52 -14.10
N GLU A 220 -7.18 -10.76 -13.27
CA GLU A 220 -7.01 -10.85 -11.83
C GLU A 220 -7.89 -11.95 -11.26
N VAL A 221 -7.29 -12.89 -10.51
CA VAL A 221 -7.98 -14.04 -9.98
C VAL A 221 -7.96 -13.97 -8.47
N GLU A 222 -8.94 -14.60 -7.83
CA GLU A 222 -8.92 -14.79 -6.39
C GLU A 222 -8.57 -16.24 -6.10
N THR A 223 -7.42 -16.46 -5.47
CA THR A 223 -6.99 -17.78 -5.02
C THR A 223 -7.11 -17.87 -3.50
N PRO A 224 -7.10 -19.08 -2.89
CA PRO A 224 -7.51 -19.24 -1.50
C PRO A 224 -6.53 -18.64 -0.50
N VAL A 225 -7.06 -18.00 0.54
CA VAL A 225 -6.24 -17.51 1.63
C VAL A 225 -6.03 -18.65 2.63
N LEU A 226 -7.10 -19.40 2.93
CA LEU A 226 -7.00 -20.55 3.80
C LEU A 226 -6.65 -21.78 2.95
N GLN A 227 -5.53 -22.43 3.30
CA GLN A 227 -4.97 -23.53 2.53
C GLN A 227 -4.69 -24.68 3.48
N THR A 228 -4.65 -25.91 2.96
CA THR A 228 -4.37 -27.06 3.82
C THR A 228 -2.87 -27.08 4.14
N LEU A 229 -2.05 -26.47 3.27
CA LEU A 229 -0.66 -26.18 3.55
C LEU A 229 -0.20 -24.99 2.70
N ALA A 230 0.48 -24.04 3.34
CA ALA A 230 0.80 -22.76 2.74
C ALA A 230 2.21 -22.77 2.13
N GLY A 231 2.27 -22.73 0.79
CA GLY A 231 3.52 -22.73 0.05
C GLY A 231 3.70 -21.46 -0.79
N GLY A 232 4.66 -21.48 -1.71
CA GLY A 232 4.95 -20.37 -2.61
C GLY A 232 6.05 -19.43 -2.08
N ALA A 233 6.55 -19.64 -0.87
CA ALA A 233 7.59 -18.79 -0.32
C ALA A 233 8.21 -19.40 0.94
N ALA A 234 9.29 -18.79 1.43
CA ALA A 234 9.93 -19.20 2.68
C ALA A 234 9.43 -18.32 3.83
N ALA A 235 8.50 -18.87 4.63
CA ALA A 235 7.99 -18.19 5.81
C ALA A 235 7.20 -19.15 6.68
N ARG A 236 7.13 -18.87 8.00
CA ARG A 236 6.29 -19.61 8.93
C ARG A 236 4.85 -19.13 8.80
N PRO A 237 3.88 -20.05 8.60
CA PRO A 237 2.47 -19.66 8.46
C PRO A 237 1.78 -19.26 9.76
N PHE A 238 0.70 -18.48 9.62
CA PHE A 238 -0.35 -18.42 10.61
C PHE A 238 -1.27 -19.62 10.44
N ALA A 239 -1.61 -20.27 11.57
CA ALA A 239 -2.47 -21.44 11.58
C ALA A 239 -3.74 -21.11 12.35
N THR A 240 -4.85 -21.67 11.89
CA THR A 240 -6.16 -21.39 12.46
C THR A 240 -6.94 -22.70 12.43
N HIS A 241 -7.72 -22.94 13.48
CA HIS A 241 -8.54 -24.14 13.56
C HIS A 241 -9.88 -23.84 12.90
N SER A 242 -10.28 -24.74 11.99
CA SER A 242 -11.59 -24.74 11.34
C SER A 242 -12.59 -25.59 12.12
N ASN A 243 -13.75 -25.01 12.45
CA ASN A 243 -14.82 -25.71 13.12
C ASN A 243 -15.55 -26.64 12.13
N ALA A 244 -15.72 -26.15 10.90
CA ALA A 244 -16.29 -26.90 9.80
C ALA A 244 -15.60 -28.25 9.61
N LEU A 245 -14.26 -28.26 9.60
CA LEU A 245 -13.51 -29.45 9.19
C LEU A 245 -12.73 -30.09 10.34
N ASP A 246 -12.75 -29.44 11.52
CA ASP A 246 -12.04 -29.93 12.71
C ASP A 246 -10.57 -30.21 12.39
N ILE A 247 -9.96 -29.34 11.58
CA ILE A 247 -8.53 -29.41 11.28
C ILE A 247 -7.97 -27.99 11.36
N ASP A 248 -6.63 -27.88 11.46
CA ASP A 248 -5.91 -26.63 11.26
C ASP A 248 -5.87 -26.28 9.77
N LEU A 249 -6.01 -24.98 9.49
CA LEU A 249 -5.74 -24.44 8.17
C LEU A 249 -4.65 -23.39 8.30
N TYR A 250 -4.09 -23.00 7.16
CA TYR A 250 -2.94 -22.11 7.14
C TYR A 250 -3.25 -20.95 6.21
N LEU A 251 -3.07 -19.73 6.72
CA LEU A 251 -3.26 -18.53 5.92
C LEU A 251 -2.11 -18.47 4.91
N ARG A 252 -2.42 -18.06 3.68
CA ARG A 252 -1.45 -18.15 2.62
C ARG A 252 -0.27 -17.22 2.93
N ILE A 253 0.93 -17.76 2.67
CA ILE A 253 2.16 -16.99 2.70
C ILE A 253 2.35 -16.37 1.33
N ALA A 254 1.86 -17.04 0.26
CA ALA A 254 1.89 -16.51 -1.09
C ALA A 254 0.92 -17.26 -2.00
N PRO A 255 0.40 -16.62 -3.08
CA PRO A 255 -0.48 -17.27 -4.05
C PRO A 255 0.10 -18.10 -5.17
N GLU A 256 1.43 -18.10 -5.26
CA GLU A 256 2.16 -18.67 -6.39
C GLU A 256 1.61 -20.04 -6.77
N LEU A 257 1.47 -20.94 -5.81
CA LEU A 257 1.23 -22.33 -6.18
C LEU A 257 -0.16 -22.47 -6.78
N PHE A 258 -1.12 -21.66 -6.29
CA PHE A 258 -2.46 -21.63 -6.85
C PHE A 258 -2.49 -20.86 -8.16
N LEU A 259 -1.72 -19.77 -8.24
CA LEU A 259 -1.62 -19.04 -9.50
C LEU A 259 -1.00 -19.94 -10.57
N LYS A 260 -0.05 -20.81 -10.18
CA LYS A 260 0.56 -21.74 -11.11
C LYS A 260 -0.47 -22.77 -11.60
N ARG A 261 -1.33 -23.26 -10.70
CA ARG A 261 -2.48 -24.05 -11.07
C ARG A 261 -3.31 -23.37 -12.17
N CYS A 262 -3.48 -22.04 -12.11
CA CYS A 262 -4.25 -21.32 -13.11
C CYS A 262 -3.57 -21.34 -14.46
N ILE A 263 -2.24 -21.37 -14.46
CA ILE A 263 -1.48 -21.45 -15.70
C ILE A 263 -1.71 -22.83 -16.32
N VAL A 264 -1.61 -23.88 -15.49
CA VAL A 264 -1.91 -25.25 -15.93
C VAL A 264 -3.27 -25.22 -16.60
N GLY A 265 -4.23 -24.58 -15.92
CA GLY A 265 -5.63 -24.58 -16.34
C GLY A 265 -5.89 -23.69 -17.55
N GLY A 266 -4.84 -23.05 -18.08
CA GLY A 266 -4.95 -22.40 -19.38
C GLY A 266 -5.07 -20.88 -19.28
N PHE A 267 -4.90 -20.30 -18.08
CA PHE A 267 -4.78 -18.86 -18.03
C PHE A 267 -3.46 -18.47 -18.69
N ASP A 268 -3.57 -17.57 -19.66
CA ASP A 268 -2.41 -17.03 -20.37
C ASP A 268 -1.67 -16.04 -19.48
N LYS A 269 -2.42 -15.18 -18.77
CA LYS A 269 -1.87 -14.03 -18.08
C LYS A 269 -2.74 -13.70 -16.86
N VAL A 270 -2.18 -13.94 -15.68
CA VAL A 270 -2.95 -13.81 -14.46
C VAL A 270 -2.10 -13.04 -13.46
N PHE A 271 -2.79 -12.26 -12.63
CA PHE A 271 -2.19 -11.67 -11.46
C PHE A 271 -3.15 -11.77 -10.30
N GLU A 272 -2.61 -11.47 -9.12
CA GLU A 272 -3.39 -11.38 -7.90
C GLU A 272 -2.72 -10.34 -7.00
N LEU A 273 -3.54 -9.38 -6.55
CA LEU A 273 -3.10 -8.27 -5.72
C LEU A 273 -3.95 -8.32 -4.45
N ASN A 274 -3.31 -8.71 -3.34
CA ASN A 274 -4.01 -9.08 -2.11
C ASN A 274 -3.01 -9.45 -1.03
N ARG A 275 -3.52 -9.58 0.20
CA ARG A 275 -2.71 -9.75 1.38
C ARG A 275 -2.11 -11.15 1.41
N VAL A 276 -0.90 -11.24 1.98
CA VAL A 276 -0.34 -12.52 2.35
C VAL A 276 0.03 -12.42 3.83
N PHE A 277 0.29 -13.57 4.46
CA PHE A 277 0.46 -13.59 5.91
C PHE A 277 1.68 -14.45 6.21
N ARG A 278 2.72 -13.81 6.76
CA ARG A 278 3.95 -14.48 7.13
C ARG A 278 4.17 -14.29 8.63
N ASN A 279 4.14 -15.40 9.37
CA ASN A 279 4.03 -15.34 10.82
C ASN A 279 5.42 -15.18 11.43
N GLU A 280 5.98 -13.98 11.27
CA GLU A 280 7.35 -13.69 11.61
C GLU A 280 7.39 -12.28 12.19
N GLY A 281 8.61 -11.78 12.46
CA GLY A 281 8.81 -10.50 13.11
C GLY A 281 8.63 -9.33 12.16
N ALA A 282 8.34 -8.17 12.76
CA ALA A 282 8.12 -6.92 12.05
C ALA A 282 9.40 -6.09 12.11
N ASP A 283 9.71 -5.42 10.99
CA ASP A 283 10.77 -4.43 10.91
C ASP A 283 10.39 -3.45 9.80
N SER A 284 11.35 -2.62 9.40
CA SER A 284 11.09 -1.48 8.54
C SER A 284 10.70 -1.90 7.13
N THR A 285 11.00 -3.15 6.74
CA THR A 285 10.63 -3.71 5.44
C THR A 285 9.75 -4.95 5.57
N HIS A 286 9.40 -5.36 6.80
CA HIS A 286 8.68 -6.61 7.03
C HIS A 286 7.50 -6.37 7.95
N SER A 287 6.31 -6.82 7.53
CA SER A 287 5.12 -6.85 8.38
C SER A 287 4.45 -8.21 8.23
N PRO A 288 3.77 -8.73 9.27
CA PRO A 288 3.19 -10.07 9.22
C PRO A 288 2.01 -10.21 8.25
N GLU A 289 1.34 -9.08 8.03
CA GLU A 289 0.28 -8.96 7.04
C GLU A 289 0.68 -7.85 6.06
N PHE A 290 0.74 -8.19 4.77
CA PHE A 290 1.01 -7.16 3.79
C PHE A 290 0.47 -7.54 2.41
N SER A 291 0.18 -6.50 1.64
CA SER A 291 -0.35 -6.61 0.30
C SER A 291 0.81 -6.85 -0.64
N MET A 292 0.61 -7.82 -1.53
CA MET A 292 1.64 -8.29 -2.44
C MET A 292 0.99 -8.53 -3.80
N LEU A 293 1.71 -8.18 -4.86
CA LEU A 293 1.33 -8.47 -6.23
C LEU A 293 2.14 -9.67 -6.70
N GLU A 294 1.45 -10.66 -7.28
CA GLU A 294 2.07 -11.71 -8.08
C GLU A 294 1.41 -11.72 -9.45
N THR A 295 2.20 -12.15 -10.43
CA THR A 295 1.96 -11.94 -11.85
C THR A 295 2.52 -13.16 -12.59
N TYR A 296 1.78 -13.76 -13.52
CA TYR A 296 2.24 -14.94 -14.25
C TYR A 296 1.87 -14.73 -15.71
N GLN A 297 2.85 -15.01 -16.59
CA GLN A 297 2.75 -14.77 -18.01
C GLN A 297 3.33 -15.97 -18.76
N THR A 298 2.51 -16.60 -19.61
CA THR A 298 2.95 -17.78 -20.34
C THR A 298 3.84 -17.35 -21.50
N TYR A 299 4.83 -18.18 -21.85
CA TYR A 299 5.68 -17.99 -23.02
C TYR A 299 6.52 -16.71 -22.95
N GLY A 300 6.98 -16.38 -21.74
CA GLY A 300 8.06 -15.42 -21.57
C GLY A 300 9.00 -15.92 -20.48
N THR A 301 10.18 -15.33 -20.37
CA THR A 301 11.13 -15.71 -19.33
C THR A 301 11.35 -14.56 -18.36
N TYR A 302 12.29 -14.74 -17.44
CA TYR A 302 12.64 -13.73 -16.46
C TYR A 302 13.11 -12.48 -17.18
N ASP A 303 13.63 -12.64 -18.39
CA ASP A 303 14.07 -11.48 -19.16
C ASP A 303 12.85 -10.64 -19.54
N ASP A 304 11.72 -11.31 -19.80
CA ASP A 304 10.52 -10.65 -20.26
C ASP A 304 9.86 -9.91 -19.10
N SER A 305 9.84 -10.52 -17.92
CA SER A 305 9.10 -10.00 -16.79
C SER A 305 9.88 -8.87 -16.09
N ALA A 306 11.19 -8.87 -16.32
CA ALA A 306 12.06 -7.79 -15.91
C ALA A 306 11.63 -6.51 -16.62
N VAL A 307 11.33 -6.65 -17.92
CA VAL A 307 10.97 -5.51 -18.75
C VAL A 307 9.60 -5.01 -18.27
N VAL A 308 8.66 -5.92 -18.03
CA VAL A 308 7.32 -5.53 -17.67
C VAL A 308 7.38 -4.88 -16.29
N THR A 309 8.13 -5.49 -15.37
CA THR A 309 8.20 -4.96 -14.02
C THR A 309 8.69 -3.52 -14.07
N ARG A 310 9.69 -3.25 -14.92
CA ARG A 310 10.24 -1.90 -15.03
C ARG A 310 9.15 -0.96 -15.54
N GLU A 311 8.49 -1.35 -16.62
CA GLU A 311 7.45 -0.54 -17.22
C GLU A 311 6.30 -0.32 -16.23
N LEU A 312 5.95 -1.37 -15.49
CA LEU A 312 4.85 -1.33 -14.56
C LEU A 312 5.15 -0.28 -13.51
N ILE A 313 6.34 -0.36 -12.90
CA ILE A 313 6.72 0.57 -11.85
C ILE A 313 6.74 2.01 -12.39
N GLN A 314 7.27 2.17 -13.59
CA GLN A 314 7.43 3.50 -14.20
C GLN A 314 6.05 4.07 -14.49
N GLU A 315 5.14 3.19 -14.91
CA GLU A 315 3.78 3.58 -15.26
C GLU A 315 3.04 3.98 -13.99
N VAL A 316 3.35 3.30 -12.87
CA VAL A 316 2.71 3.59 -11.59
C VAL A 316 3.16 4.96 -11.12
N ALA A 317 4.46 5.21 -11.23
CA ALA A 317 5.01 6.51 -10.83
C ALA A 317 4.30 7.62 -11.60
N ASP A 318 4.25 7.49 -12.93
CA ASP A 318 3.61 8.46 -13.81
C ASP A 318 2.15 8.72 -13.43
N GLU A 319 1.38 7.66 -13.18
CA GLU A 319 -0.04 7.78 -12.95
C GLU A 319 -0.26 8.40 -11.58
N ALA A 320 0.43 7.85 -10.56
CA ALA A 320 0.13 8.07 -9.16
C ALA A 320 0.95 9.21 -8.56
N ILE A 321 2.16 9.46 -9.09
CA ILE A 321 3.05 10.48 -8.56
C ILE A 321 3.23 11.61 -9.57
N GLY A 322 3.26 11.26 -10.88
CA GLY A 322 3.29 12.28 -11.92
C GLY A 322 4.71 12.66 -12.33
N THR A 323 5.71 12.00 -11.76
CA THR A 323 7.10 12.17 -12.17
C THR A 323 7.88 10.88 -11.98
N ARG A 324 8.98 10.74 -12.73
CA ARG A 324 9.93 9.68 -12.45
C ARG A 324 11.16 10.23 -11.74
N GLN A 325 11.16 11.55 -11.49
CA GLN A 325 12.17 12.17 -10.65
C GLN A 325 11.57 12.34 -9.26
N LEU A 326 11.80 11.31 -8.43
CA LEU A 326 11.01 11.06 -7.25
C LEU A 326 11.52 11.92 -6.10
N PRO A 327 10.72 12.90 -5.63
CA PRO A 327 11.12 13.74 -4.51
C PRO A 327 11.07 12.94 -3.22
N LEU A 328 12.11 13.06 -2.39
CA LEU A 328 12.17 12.31 -1.13
C LEU A 328 12.12 13.27 0.05
N PRO A 329 11.75 12.78 1.26
CA PRO A 329 11.73 13.60 2.48
C PRO A 329 13.13 14.11 2.81
N ASP A 330 14.12 13.26 2.55
CA ASP A 330 15.53 13.61 2.44
C ASP A 330 15.69 15.05 1.94
N GLY A 331 14.97 15.38 0.87
CA GLY A 331 15.21 16.60 0.10
C GLY A 331 15.83 16.26 -1.25
N SER A 332 16.37 15.03 -1.37
CA SER A 332 17.00 14.55 -2.60
C SER A 332 15.96 14.15 -3.65
N VAL A 333 16.46 13.76 -4.84
CA VAL A 333 15.62 13.30 -5.94
C VAL A 333 16.18 11.98 -6.44
N TYR A 334 15.32 10.96 -6.51
CA TYR A 334 15.69 9.64 -7.02
C TYR A 334 15.09 9.47 -8.41
N ASP A 335 15.95 9.29 -9.42
CA ASP A 335 15.56 9.18 -10.82
C ASP A 335 15.33 7.70 -11.19
N ILE A 336 14.08 7.33 -11.51
CA ILE A 336 13.78 5.94 -11.88
C ILE A 336 13.46 5.82 -13.36
N ASP A 337 13.73 6.89 -14.11
CA ASP A 337 13.48 6.93 -15.54
C ASP A 337 14.55 6.10 -16.30
N GLY A 338 14.31 5.92 -17.59
CA GLY A 338 15.25 5.29 -18.47
C GLY A 338 15.35 3.80 -18.20
N GLU A 339 16.50 3.23 -18.62
CA GLU A 339 16.74 1.81 -18.53
C GLU A 339 17.48 1.54 -17.22
N TRP A 340 17.34 0.30 -16.72
CA TRP A 340 17.87 -0.09 -15.42
C TRP A 340 18.93 -1.17 -15.63
N ALA A 341 19.98 -1.12 -14.81
CA ALA A 341 21.13 -1.98 -15.03
C ALA A 341 20.76 -3.38 -14.56
N THR A 342 21.31 -4.39 -15.25
CA THR A 342 21.21 -5.78 -14.83
C THR A 342 22.61 -6.28 -14.53
N ILE A 343 22.77 -6.95 -13.39
CA ILE A 343 24.04 -7.56 -13.02
C ILE A 343 23.78 -9.02 -12.65
N GLN A 344 24.83 -9.83 -12.64
CA GLN A 344 24.70 -11.22 -12.23
C GLN A 344 25.29 -11.37 -10.84
N MET A 345 24.67 -12.24 -10.03
CA MET A 345 25.01 -12.35 -8.62
C MET A 345 26.45 -12.81 -8.44
N TYR A 346 26.78 -13.98 -9.01
CA TYR A 346 28.10 -14.58 -8.89
C TYR A 346 29.21 -13.67 -9.41
N PRO A 347 29.13 -13.18 -10.67
CA PRO A 347 30.15 -12.25 -11.18
C PRO A 347 30.29 -10.97 -10.37
N SER A 348 29.15 -10.33 -10.05
CA SER A 348 29.16 -9.09 -9.28
C SER A 348 29.80 -9.33 -7.90
N LEU A 349 29.46 -10.46 -7.28
CA LEU A 349 30.08 -10.84 -6.02
C LEU A 349 31.58 -11.07 -6.23
N SER A 350 31.93 -11.75 -7.33
CA SER A 350 33.32 -12.03 -7.64
C SER A 350 34.11 -10.73 -7.71
N VAL A 351 33.59 -9.73 -8.44
CA VAL A 351 34.26 -8.46 -8.57
C VAL A 351 34.42 -7.81 -7.20
N ALA A 352 33.35 -7.84 -6.39
CA ALA A 352 33.38 -7.26 -5.06
C ALA A 352 34.45 -7.91 -4.17
N LEU A 353 34.59 -9.24 -4.25
CA LEU A 353 35.43 -10.00 -3.33
C LEU A 353 36.86 -10.15 -3.86
N GLY A 354 37.10 -9.83 -5.12
CA GLY A 354 38.45 -9.93 -5.66
C GLY A 354 38.83 -11.36 -6.06
N GLU A 355 37.84 -12.24 -6.26
CA GLU A 355 38.11 -13.61 -6.70
C GLU A 355 36.88 -14.25 -7.33
N GLU A 356 37.12 -15.30 -8.13
CA GLU A 356 36.06 -15.96 -8.87
C GLU A 356 35.26 -16.82 -7.90
N ILE A 357 33.98 -16.45 -7.70
CA ILE A 357 33.00 -17.23 -6.97
C ILE A 357 32.07 -17.82 -8.01
N THR A 358 31.87 -19.15 -7.93
CA THR A 358 31.01 -19.82 -8.88
C THR A 358 30.06 -20.69 -8.07
N PRO A 359 29.04 -21.34 -8.70
CA PRO A 359 28.31 -22.43 -8.08
C PRO A 359 29.20 -23.51 -7.46
N GLN A 360 30.44 -23.63 -7.92
CA GLN A 360 31.38 -24.67 -7.50
C GLN A 360 32.11 -24.31 -6.21
N THR A 361 32.18 -23.02 -5.85
CA THR A 361 32.84 -22.58 -4.63
C THR A 361 32.24 -23.25 -3.39
N THR A 362 33.09 -23.83 -2.54
CA THR A 362 32.65 -24.63 -1.41
C THR A 362 32.16 -23.73 -0.27
N VAL A 363 31.39 -24.34 0.65
CA VAL A 363 30.87 -23.60 1.79
C VAL A 363 32.03 -23.24 2.72
N ASP A 364 33.03 -24.14 2.79
CA ASP A 364 34.25 -23.87 3.53
C ASP A 364 34.93 -22.60 3.00
N ARG A 365 34.97 -22.41 1.68
CA ARG A 365 35.54 -21.18 1.15
C ARG A 365 34.70 -19.97 1.54
N LEU A 366 33.38 -20.04 1.34
CA LEU A 366 32.48 -18.91 1.56
C LEU A 366 32.44 -18.52 3.04
N ARG A 367 32.37 -19.53 3.92
CA ARG A 367 32.49 -19.33 5.36
C ARG A 367 33.73 -18.48 5.67
N GLY A 368 34.87 -18.87 5.10
CA GLY A 368 36.13 -18.19 5.31
C GLY A 368 36.06 -16.71 4.91
N ILE A 369 35.53 -16.46 3.69
CA ILE A 369 35.38 -15.09 3.20
C ILE A 369 34.44 -14.34 4.14
N ALA A 370 33.27 -14.93 4.40
CA ALA A 370 32.31 -14.40 5.35
C ALA A 370 33.02 -14.00 6.64
N ASP A 371 33.79 -14.92 7.22
CA ASP A 371 34.56 -14.65 8.41
C ASP A 371 35.42 -13.39 8.22
N SER A 372 36.22 -13.37 7.14
CA SER A 372 37.20 -12.31 6.91
C SER A 372 36.55 -10.91 6.90
N LEU A 373 35.25 -10.83 6.60
CA LEU A 373 34.53 -9.57 6.55
C LEU A 373 34.08 -9.17 7.96
N GLY A 374 33.22 -9.99 8.58
CA GLY A 374 32.71 -9.73 9.92
C GLY A 374 31.20 -9.90 10.01
N PHE A 387 24.48 -21.65 6.62
CA PHE A 387 24.34 -23.13 6.61
C PHE A 387 24.93 -23.69 5.32
N GLY A 388 24.42 -23.22 4.17
CA GLY A 388 24.69 -23.82 2.86
C GLY A 388 25.18 -22.83 1.81
N HIS A 389 25.58 -23.34 0.63
CA HIS A 389 26.23 -22.59 -0.42
C HIS A 389 25.35 -21.41 -0.84
N GLY A 390 24.12 -21.72 -1.28
CA GLY A 390 23.20 -20.71 -1.77
C GLY A 390 23.01 -19.57 -0.78
N LYS A 391 22.81 -19.92 0.50
CA LYS A 391 22.58 -18.92 1.54
C LYS A 391 23.80 -18.00 1.66
N LEU A 392 25.00 -18.58 1.61
CA LEU A 392 26.22 -17.81 1.81
C LEU A 392 26.42 -16.82 0.66
N ILE A 393 26.17 -17.28 -0.57
CA ILE A 393 26.31 -16.45 -1.76
C ILE A 393 25.42 -15.21 -1.63
N GLU A 394 24.15 -15.42 -1.28
CA GLU A 394 23.16 -14.35 -1.24
C GLU A 394 23.54 -13.30 -0.20
N GLU A 395 23.97 -13.81 0.97
CA GLU A 395 24.38 -13.03 2.12
C GLU A 395 25.65 -12.25 1.81
N LEU A 396 26.64 -12.93 1.21
CA LEU A 396 27.86 -12.26 0.80
C LEU A 396 27.50 -11.22 -0.24
N TRP A 397 26.60 -11.58 -1.17
CA TRP A 397 26.25 -10.65 -2.23
C TRP A 397 25.57 -9.43 -1.61
N GLU A 398 24.63 -9.69 -0.67
CA GLU A 398 23.82 -8.66 -0.06
C GLU A 398 24.72 -7.74 0.73
N ARG A 399 25.68 -8.31 1.48
CA ARG A 399 26.61 -7.55 2.31
C ARG A 399 27.60 -6.72 1.48
N THR A 400 27.94 -7.15 0.26
CA THR A 400 28.98 -6.45 -0.50
C THR A 400 28.37 -5.61 -1.64
N VAL A 401 27.72 -6.27 -2.60
CA VAL A 401 27.16 -5.59 -3.75
C VAL A 401 25.81 -4.96 -3.38
N GLY A 402 24.94 -5.72 -2.71
CA GLY A 402 23.57 -5.28 -2.42
C GLY A 402 23.52 -3.86 -1.84
N LYS A 403 24.23 -3.65 -0.74
CA LYS A 403 24.15 -2.43 0.04
C LYS A 403 24.72 -1.23 -0.72
N SER A 404 25.58 -1.48 -1.71
CA SER A 404 26.27 -0.42 -2.43
C SER A 404 25.43 0.13 -3.58
N LEU A 405 24.33 -0.54 -3.94
CA LEU A 405 23.52 -0.14 -5.09
C LEU A 405 22.70 1.11 -4.75
N SER A 406 22.78 2.10 -5.64
CA SER A 406 22.01 3.33 -5.54
C SER A 406 20.93 3.29 -6.62
N ALA A 407 21.36 3.32 -7.90
CA ALA A 407 20.43 3.36 -9.02
C ALA A 407 19.62 2.07 -9.08
N PRO A 408 18.46 2.06 -9.77
CA PRO A 408 17.62 0.86 -9.85
C PRO A 408 18.35 -0.22 -10.65
N THR A 409 18.41 -1.42 -10.07
CA THR A 409 19.26 -2.48 -10.56
C THR A 409 18.56 -3.83 -10.38
N PHE A 410 18.62 -4.65 -11.43
CA PHE A 410 18.23 -6.04 -11.33
C PHE A 410 19.48 -6.85 -11.06
N VAL A 411 19.41 -7.77 -10.10
CA VAL A 411 20.43 -8.78 -9.96
C VAL A 411 19.82 -10.10 -10.40
N LYS A 412 20.53 -10.85 -11.26
CA LYS A 412 19.96 -12.06 -11.80
C LYS A 412 20.95 -13.21 -11.71
N ASP A 413 20.43 -14.43 -11.85
CA ASP A 413 21.21 -15.66 -11.90
C ASP A 413 21.58 -16.05 -10.47
N PHE A 414 20.66 -16.77 -9.82
CA PHE A 414 20.70 -17.01 -8.39
C PHE A 414 21.15 -18.45 -8.08
N PRO A 415 21.67 -18.70 -6.86
CA PRO A 415 21.98 -20.06 -6.42
C PRO A 415 20.75 -20.98 -6.42
N VAL A 416 20.92 -22.17 -7.00
CA VAL A 416 19.84 -23.13 -7.13
C VAL A 416 19.25 -23.51 -5.75
N GLN A 417 20.08 -23.57 -4.70
CA GLN A 417 19.66 -24.08 -3.41
C GLN A 417 18.59 -23.20 -2.74
N THR A 418 18.53 -21.90 -3.09
CA THR A 418 17.68 -20.94 -2.41
C THR A 418 16.50 -20.53 -3.29
N THR A 419 16.31 -21.21 -4.42
CA THR A 419 15.30 -20.86 -5.39
C THR A 419 14.59 -22.13 -5.86
N PRO A 420 13.95 -22.88 -4.92
CA PRO A 420 13.28 -24.14 -5.24
C PRO A 420 12.24 -24.09 -6.36
N LEU A 421 11.62 -22.92 -6.57
CA LEU A 421 10.48 -22.82 -7.49
C LEU A 421 10.92 -22.24 -8.84
N THR A 422 12.20 -21.87 -9.00
CA THR A 422 12.60 -21.25 -10.24
C THR A 422 13.44 -22.19 -11.09
N ARG A 423 13.17 -22.13 -12.40
CA ARG A 423 13.82 -23.02 -13.34
C ARG A 423 15.32 -22.84 -13.28
N GLN A 424 16.05 -23.93 -13.54
CA GLN A 424 17.49 -23.90 -13.71
C GLN A 424 17.80 -23.05 -14.95
N HIS A 425 18.96 -22.37 -14.93
CA HIS A 425 19.36 -21.46 -15.98
C HIS A 425 19.48 -22.23 -17.28
N ARG A 426 19.20 -21.57 -18.40
CA ARG A 426 19.15 -22.27 -19.68
C ARG A 426 20.55 -22.76 -20.08
N SER A 427 21.61 -22.08 -19.61
CA SER A 427 22.96 -22.39 -20.07
C SER A 427 23.98 -22.41 -18.94
N ILE A 428 23.87 -21.50 -17.97
CA ILE A 428 24.80 -21.45 -16.85
C ILE A 428 24.48 -22.59 -15.89
N PRO A 429 25.38 -23.57 -15.67
CA PRO A 429 25.21 -24.57 -14.61
C PRO A 429 25.18 -23.99 -13.20
N GLY A 430 24.29 -24.54 -12.36
CA GLY A 430 24.24 -24.27 -10.94
C GLY A 430 23.43 -23.04 -10.52
N VAL A 431 22.91 -22.24 -11.49
CA VAL A 431 22.11 -21.07 -11.12
C VAL A 431 20.69 -21.18 -11.69
N THR A 432 19.75 -20.45 -11.08
CA THR A 432 18.38 -20.37 -11.58
C THR A 432 18.09 -19.02 -12.20
N GLU A 433 17.11 -19.01 -13.12
CA GLU A 433 16.68 -17.81 -13.81
C GLU A 433 15.74 -17.02 -12.92
N LYS A 434 16.31 -16.42 -11.89
CA LYS A 434 15.58 -15.52 -11.01
C LYS A 434 16.27 -14.16 -11.06
N TRP A 435 15.47 -13.09 -10.99
CA TRP A 435 16.02 -11.77 -10.72
C TRP A 435 15.35 -11.19 -9.50
N ASP A 436 16.12 -10.38 -8.77
CA ASP A 436 15.62 -9.46 -7.77
C ASP A 436 15.88 -8.06 -8.33
N LEU A 437 14.91 -7.16 -8.07
CA LEU A 437 15.00 -5.75 -8.39
C LEU A 437 15.20 -4.99 -7.10
N TYR A 438 16.30 -4.21 -7.05
CA TYR A 438 16.54 -3.26 -5.98
C TYR A 438 16.25 -1.87 -6.53
N LEU A 439 15.38 -1.13 -5.84
CA LEU A 439 15.01 0.22 -6.22
C LEU A 439 15.19 1.10 -4.99
N ARG A 440 16.07 2.10 -5.09
CA ARG A 440 16.38 3.00 -3.99
C ARG A 440 16.84 2.19 -2.77
N GLY A 441 17.58 1.10 -3.02
CA GLY A 441 18.18 0.27 -1.98
C GLY A 441 17.19 -0.70 -1.34
N ILE A 442 15.96 -0.77 -1.85
CA ILE A 442 14.94 -1.63 -1.27
C ILE A 442 14.78 -2.85 -2.15
N GLU A 443 14.65 -4.03 -1.51
CA GLU A 443 14.46 -5.29 -2.20
C GLU A 443 12.98 -5.36 -2.56
N LEU A 444 12.66 -4.96 -3.80
CA LEU A 444 11.30 -4.55 -4.15
C LEU A 444 10.48 -5.70 -4.74
N ALA A 445 11.07 -6.40 -5.70
CA ALA A 445 10.39 -7.33 -6.59
C ALA A 445 11.32 -8.45 -7.00
N THR A 446 10.74 -9.55 -7.50
CA THR A 446 11.46 -10.69 -8.03
C THR A 446 10.70 -11.23 -9.23
N GLY A 447 11.42 -11.84 -10.17
CA GLY A 447 10.79 -12.56 -11.26
C GLY A 447 11.55 -13.86 -11.55
N TYR A 448 10.80 -14.89 -11.98
CA TYR A 448 11.40 -16.18 -12.26
C TYR A 448 11.00 -16.60 -13.65
N SER A 449 11.92 -17.27 -14.37
CA SER A 449 11.53 -18.24 -15.38
C SER A 449 11.07 -19.45 -14.59
N GLU A 450 9.77 -19.78 -14.62
CA GLU A 450 9.19 -20.68 -13.64
C GLU A 450 9.57 -22.12 -13.93
N LEU A 451 9.84 -22.87 -12.86
CA LEU A 451 10.08 -24.31 -12.95
C LEU A 451 8.76 -25.03 -13.21
N SER A 452 8.67 -25.70 -14.36
CA SER A 452 7.49 -26.48 -14.68
C SER A 452 7.75 -27.99 -14.65
N ASP A 453 9.00 -28.42 -14.42
CA ASP A 453 9.37 -29.82 -14.48
C ASP A 453 8.94 -30.50 -13.18
N PRO A 454 7.91 -31.38 -13.20
CA PRO A 454 7.40 -31.96 -11.96
C PRO A 454 8.43 -32.77 -11.19
N VAL A 455 9.38 -33.39 -11.92
CA VAL A 455 10.31 -34.33 -11.29
C VAL A 455 11.40 -33.54 -10.59
N VAL A 456 11.98 -32.57 -11.29
CA VAL A 456 12.92 -31.65 -10.69
C VAL A 456 12.25 -30.97 -9.49
N GLN A 457 10.98 -30.61 -9.65
CA GLN A 457 10.30 -29.81 -8.65
C GLN A 457 10.13 -30.68 -7.42
N ARG A 458 9.80 -31.96 -7.61
CA ARG A 458 9.64 -32.86 -6.48
C ARG A 458 10.97 -32.94 -5.71
N GLU A 459 12.09 -33.05 -6.44
CA GLU A 459 13.41 -33.04 -5.80
C GLU A 459 13.55 -31.80 -4.92
N ARG A 460 13.45 -30.61 -5.53
CA ARG A 460 13.70 -29.34 -4.85
C ARG A 460 12.96 -29.30 -3.52
N PHE A 461 11.74 -29.86 -3.48
CA PHE A 461 10.91 -29.86 -2.29
C PHE A 461 11.43 -30.89 -1.31
N ALA A 462 11.89 -32.04 -1.82
CA ALA A 462 12.46 -33.09 -0.99
C ALA A 462 13.70 -32.57 -0.26
N ASP A 463 14.63 -31.94 -0.99
CA ASP A 463 15.77 -31.27 -0.38
C ASP A 463 15.32 -30.37 0.76
N GLN A 464 14.29 -29.54 0.50
CA GLN A 464 13.79 -28.57 1.48
C GLN A 464 13.34 -29.28 2.75
N ALA A 465 12.48 -30.30 2.58
CA ALA A 465 11.83 -31.00 3.68
C ALA A 465 12.83 -31.71 4.57
N ARG A 466 13.87 -32.31 3.96
CA ARG A 466 14.91 -33.06 4.66
C ARG A 466 15.61 -32.14 5.67
N ALA A 467 15.65 -30.84 5.34
CA ALA A 467 15.99 -29.78 6.26
C ALA A 467 14.70 -29.19 6.87
N MET A 476 7.64 -36.41 6.23
CA MET A 476 8.07 -35.34 5.30
C MET A 476 7.07 -35.20 4.15
N VAL A 477 5.96 -34.48 4.40
CA VAL A 477 4.84 -34.40 3.48
C VAL A 477 4.97 -33.18 2.56
N LEU A 478 5.03 -33.45 1.23
CA LEU A 478 5.16 -32.42 0.20
C LEU A 478 3.77 -31.89 -0.18
N ASP A 479 3.74 -30.91 -1.11
CA ASP A 479 2.50 -30.40 -1.67
C ASP A 479 2.13 -31.22 -2.91
N GLU A 480 1.46 -32.36 -2.68
CA GLU A 480 1.24 -33.35 -3.72
C GLU A 480 0.32 -32.83 -4.82
N ASP A 481 -0.66 -32.00 -4.44
CA ASP A 481 -1.63 -31.48 -5.39
C ASP A 481 -0.96 -30.47 -6.31
N PHE A 482 -0.14 -29.58 -5.74
CA PHE A 482 0.65 -28.69 -6.56
C PHE A 482 1.47 -29.51 -7.57
N LEU A 483 2.16 -30.54 -7.06
CA LEU A 483 3.02 -31.37 -7.90
C LEU A 483 2.17 -32.08 -8.96
N ALA A 484 0.95 -32.51 -8.58
CA ALA A 484 0.06 -33.15 -9.53
C ALA A 484 -0.28 -32.20 -10.68
N ALA A 485 -0.60 -30.94 -10.34
CA ALA A 485 -0.91 -29.92 -11.32
C ALA A 485 0.23 -29.76 -12.32
N LEU A 486 1.46 -29.68 -11.80
CA LEU A 486 2.63 -29.60 -12.67
C LEU A 486 2.71 -30.82 -13.59
N GLU A 487 2.36 -32.01 -13.09
CA GLU A 487 2.46 -33.20 -13.92
C GLU A 487 1.36 -33.25 -14.97
N TYR A 488 0.34 -32.37 -14.89
CA TYR A 488 -0.61 -32.26 -15.98
C TYR A 488 0.02 -31.43 -17.09
N GLY A 489 1.10 -30.71 -16.79
CA GLY A 489 1.78 -29.88 -17.79
C GLY A 489 1.49 -28.38 -17.62
N MET A 490 2.51 -27.63 -17.20
CA MET A 490 2.42 -26.17 -17.14
C MET A 490 3.27 -25.57 -18.26
N PRO A 491 2.69 -24.74 -19.16
CA PRO A 491 3.45 -24.14 -20.25
C PRO A 491 4.58 -23.32 -19.67
N PRO A 492 5.68 -23.09 -20.43
CA PRO A 492 6.77 -22.23 -19.95
C PRO A 492 6.16 -20.86 -19.62
N CYS A 493 6.60 -20.25 -18.52
CA CYS A 493 5.97 -19.03 -18.04
C CYS A 493 6.92 -18.31 -17.09
N THR A 494 6.70 -17.02 -16.90
CA THR A 494 7.48 -16.22 -15.96
C THR A 494 6.53 -15.53 -14.98
N GLY A 495 6.86 -15.68 -13.69
CA GLY A 495 6.12 -15.05 -12.60
C GLY A 495 6.95 -13.95 -11.94
N THR A 496 6.26 -12.96 -11.37
CA THR A 496 6.89 -11.93 -10.57
C THR A 496 6.18 -11.88 -9.23
N GLY A 497 6.88 -11.36 -8.22
CA GLY A 497 6.25 -10.92 -6.98
C GLY A 497 6.69 -9.49 -6.68
N MET A 498 5.85 -8.73 -5.99
CA MET A 498 6.23 -7.38 -5.61
C MET A 498 5.37 -6.94 -4.44
N GLY A 499 6.02 -6.33 -3.44
CA GLY A 499 5.35 -5.79 -2.27
C GLY A 499 4.94 -4.33 -2.47
N ILE A 500 3.68 -4.04 -2.09
CA ILE A 500 3.06 -2.75 -2.31
C ILE A 500 3.66 -1.74 -1.33
N ASP A 501 3.87 -2.17 -0.08
CA ASP A 501 4.44 -1.28 0.91
C ASP A 501 5.85 -0.92 0.53
N ARG A 502 6.62 -1.92 0.11
CA ARG A 502 7.99 -1.69 -0.37
C ARG A 502 7.97 -0.82 -1.62
N LEU A 503 7.01 -1.08 -2.50
CA LEU A 503 6.82 -0.23 -3.66
C LEU A 503 6.69 1.23 -3.22
N LEU A 504 5.73 1.50 -2.32
CA LEU A 504 5.44 2.86 -1.89
C LEU A 504 6.65 3.47 -1.19
N MET A 505 7.28 2.67 -0.33
CA MET A 505 8.51 3.03 0.35
C MET A 505 9.57 3.44 -0.66
N SER A 506 9.93 2.53 -1.57
CA SER A 506 10.95 2.81 -2.54
C SER A 506 10.63 4.13 -3.28
N LEU A 507 9.35 4.42 -3.51
CA LEU A 507 8.95 5.53 -4.37
C LEU A 507 8.95 6.86 -3.60
N THR A 508 8.72 6.83 -2.28
CA THR A 508 8.32 8.03 -1.57
C THR A 508 9.23 8.35 -0.38
N GLY A 509 9.82 7.31 0.23
CA GLY A 509 10.60 7.48 1.45
C GLY A 509 9.76 7.24 2.71
N LEU A 510 8.46 6.97 2.51
CA LEU A 510 7.54 6.71 3.59
C LEU A 510 7.90 5.38 4.24
N SER A 511 7.70 5.29 5.55
CA SER A 511 7.86 4.02 6.24
C SER A 511 6.66 3.12 5.98
N ILE A 512 6.87 1.82 6.19
CA ILE A 512 5.85 0.79 6.04
C ILE A 512 4.64 1.08 6.95
N ARG A 513 4.88 1.78 8.08
CA ARG A 513 3.84 2.07 9.06
C ARG A 513 3.04 3.31 8.69
N GLU A 514 3.38 3.96 7.57
CA GLU A 514 2.62 5.07 7.04
C GLU A 514 1.81 4.63 5.82
N THR A 515 2.24 3.54 5.17
CA THR A 515 1.75 3.20 3.84
C THR A 515 0.49 2.34 3.92
N VAL A 516 0.32 1.59 5.02
CA VAL A 516 -0.91 0.84 5.26
C VAL A 516 -1.83 1.70 6.11
N LEU A 517 -3.13 1.67 5.81
CA LEU A 517 -4.09 2.47 6.54
C LEU A 517 -4.11 2.10 8.01
N PHE A 518 -4.25 0.80 8.33
CA PHE A 518 -4.47 0.37 9.70
C PHE A 518 -3.52 -0.77 10.04
N PRO A 519 -2.25 -0.48 10.38
CA PRO A 519 -1.31 -1.52 10.81
C PRO A 519 -1.52 -1.87 12.29
N ILE A 520 -1.00 -3.02 12.71
CA ILE A 520 -0.58 -3.24 14.10
C ILE A 520 0.00 -4.67 14.18
N LYS B . 5.88 -16.26 -4.13
CA LYS B . 7.03 -15.36 -4.42
C LYS B . 7.51 -14.79 -3.08
O LYS B . 8.72 -14.52 -2.99
CB LYS B . 6.63 -14.31 -5.46
CG LYS B . 6.47 -14.87 -6.86
CD LYS B . 7.79 -15.19 -7.56
CE LYS B . 7.68 -15.68 -8.98
NZ LYS B . 7.13 -17.03 -9.15
OXT LYS B . 6.68 -14.70 -2.16
C1 A1I50 C . 6.07 -5.35 4.20
O1 A1I50 C . 6.42 -6.18 3.09
C2 A1I50 C . 6.85 -7.42 3.39
N1 A1I50 C . 6.61 -7.96 4.57
C3 A1I50 C . 7.08 -9.21 4.76
N2 A1I50 C . 6.86 -9.79 5.95
N3 A1I50 C . 7.80 -9.92 3.85
C4 A1I50 C . 8.02 -9.35 2.67
C5 A1I50 C . 8.73 -9.92 1.49
N4 A1I50 C . 8.48 -8.88 0.49
C6 A1I50 C . 8.83 -9.03 -0.93
C7 A1I50 C . 7.82 -9.90 -1.67
C8 A1I50 C . 8.19 -10.35 -3.08
C9 A1I50 C . 9.13 -9.45 -3.86
C10 A1I50 C . 10.58 -9.67 -3.55
C11 A1I50 C . 11.03 -9.09 -2.23
C12 A1I50 C . 10.29 -9.53 -0.98
O2 A1I50 C . 10.29 -10.94 -0.86
C13 A1I50 C . 7.94 -7.76 1.03
O3 A1I50 C . 7.76 -6.72 0.40
C14 A1I50 C . 7.57 -8.11 2.41
#